data_8JYA
#
_entry.id   8JYA
#
_cell.length_a   44.354
_cell.length_b   67.934
_cell.length_c   134.692
_cell.angle_alpha   90.000
_cell.angle_beta   90.000
_cell.angle_gamma   90.000
#
_symmetry.space_group_name_H-M   'P 21 21 21'
#
loop_
_entity.id
_entity.type
_entity.pdbx_description
1 polymer 'Butyrophylin 3'
2 non-polymer 'SULFATE ION'
3 non-polymer '3-METHYLBUT-3-ENYL TRIHYDROGEN DIPHOSPHATE'
4 water water
#
_entity_poly.entity_id   1
_entity_poly.type   'polypeptide(L)'
_entity_poly.pdbx_seq_one_letter_code
;GAGAGARGEKSQAYAEWKKALFQPADVILDPNTANPILLVSDDQRSLQRADERQNLPDNPERFDWHYCVLGCKSFTSGRH
YWEVEVGDRKEWHIGVCQENVERKCWVKMTPENGFWTVGLTDGSKYRALSDPRTKLTVANPPQRVGVFLDYETGEVSFYN
AMDGSHIYTFPHTFFSGPLWPVFRILTLEPTALTICPA
;
_entity_poly.pdbx_strand_id   A,B
#
loop_
_chem_comp.id
_chem_comp.type
_chem_comp.name
_chem_comp.formula
IPE non-polymer '3-METHYLBUT-3-ENYL TRIHYDROGEN DIPHOSPHATE' 'C5 H12 O7 P2'
SO4 non-polymer 'SULFATE ION' 'O4 S -2'
#
# COMPACT_ATOMS: atom_id res chain seq x y z
N GLY A 8 19.41 -6.50 -4.11
CA GLY A 8 19.76 -6.62 -2.67
C GLY A 8 19.31 -5.40 -1.88
N GLU A 9 19.34 -4.21 -2.47
CA GLU A 9 18.99 -2.97 -1.72
C GLU A 9 17.49 -3.02 -1.33
N LYS A 10 16.62 -3.44 -2.24
CA LYS A 10 15.15 -3.51 -1.97
C LYS A 10 14.88 -4.56 -0.88
N SER A 11 15.50 -5.75 -0.94
CA SER A 11 15.37 -6.75 0.15
C SER A 11 15.90 -6.19 1.46
N GLN A 12 17.06 -5.53 1.44
CA GLN A 12 17.65 -4.97 2.66
C GLN A 12 16.72 -3.92 3.28
N ALA A 13 16.17 -3.03 2.49
CA ALA A 13 15.30 -1.95 3.02
C ALA A 13 14.01 -2.58 3.54
N TYR A 14 13.54 -3.65 2.89
CA TYR A 14 12.35 -4.38 3.39
C TYR A 14 12.67 -5.00 4.74
N ALA A 15 13.81 -5.68 4.87
CA ALA A 15 14.20 -6.24 6.19
C ALA A 15 14.28 -5.14 7.23
N GLU A 16 14.88 -3.98 6.92
CA GLU A 16 15.14 -2.95 7.95
C GLU A 16 13.81 -2.33 8.39
N TRP A 17 12.88 -2.21 7.45
CA TRP A 17 11.55 -1.64 7.75
C TRP A 17 10.83 -2.57 8.73
N LYS A 18 10.83 -3.87 8.41
CA LYS A 18 10.12 -4.85 9.25
C LYS A 18 10.78 -4.80 10.64
N LYS A 19 12.09 -4.57 10.78
CA LYS A 19 12.75 -4.41 12.11
C LYS A 19 12.42 -3.11 12.83
N ALA A 20 12.34 -1.96 12.15
CA ALA A 20 12.07 -0.66 12.78
C ALA A 20 10.69 -0.67 13.42
N LEU A 21 9.76 -1.47 12.87
CA LEU A 21 8.35 -1.19 13.16
C LEU A 21 7.55 -2.42 13.60
N PHE A 22 7.80 -3.62 13.08
CA PHE A 22 6.82 -4.74 13.26
C PHE A 22 7.46 -5.88 14.05
N GLN A 23 6.77 -6.42 15.05
CA GLN A 23 7.19 -7.59 15.84
C GLN A 23 6.99 -8.81 14.95
N PRO A 24 8.00 -9.68 14.81
CA PRO A 24 7.84 -10.90 14.03
C PRO A 24 6.97 -11.88 14.80
N ALA A 25 5.83 -12.28 14.23
CA ALA A 25 4.97 -13.29 14.85
C ALA A 25 5.41 -14.66 14.40
N ASP A 26 5.38 -15.60 15.33
CA ASP A 26 5.63 -17.03 15.06
C ASP A 26 4.26 -17.69 15.02
N VAL A 27 3.75 -17.87 13.82
CA VAL A 27 2.34 -18.28 13.64
C VAL A 27 2.30 -19.77 13.35
N ILE A 28 1.47 -20.46 14.11
CA ILE A 28 1.15 -21.87 13.82
C ILE A 28 -0.34 -22.02 13.63
N LEU A 29 -0.71 -22.99 12.78
CA LEU A 29 -2.12 -23.24 12.47
C LEU A 29 -2.79 -24.04 13.58
N ASP A 30 -3.99 -23.63 13.93
CA ASP A 30 -4.79 -24.34 14.96
C ASP A 30 -5.73 -25.35 14.30
N PRO A 31 -5.44 -26.66 14.40
CA PRO A 31 -6.27 -27.66 13.72
C PRO A 31 -7.70 -27.68 14.25
N ASN A 32 -7.96 -27.16 15.46
CA ASN A 32 -9.32 -27.17 16.02
C ASN A 32 -10.21 -26.15 15.30
N THR A 33 -9.63 -25.19 14.60
CA THR A 33 -10.37 -24.17 13.86
C THR A 33 -10.57 -24.60 12.41
N ALA A 34 -9.79 -25.55 11.91
CA ALA A 34 -9.70 -25.82 10.46
C ALA A 34 -10.98 -26.48 9.95
N ASN A 35 -11.54 -25.95 8.86
CA ASN A 35 -12.64 -26.60 8.10
C ASN A 35 -12.31 -28.08 7.94
N PRO A 36 -13.30 -28.99 8.03
CA PRO A 36 -13.02 -30.42 7.92
C PRO A 36 -12.42 -30.95 6.62
N ILE A 37 -12.37 -30.13 5.57
CA ILE A 37 -11.73 -30.51 4.29
C ILE A 37 -10.25 -30.14 4.35
N LEU A 38 -9.80 -29.44 5.39
CA LEU A 38 -8.37 -29.02 5.45
C LEU A 38 -7.58 -30.00 6.29
N LEU A 39 -6.31 -30.15 5.90
CA LEU A 39 -5.31 -30.90 6.68
C LEU A 39 -4.26 -29.89 7.15
N VAL A 40 -4.02 -29.87 8.47
CA VAL A 40 -2.92 -29.12 9.08
C VAL A 40 -1.76 -30.06 9.32
N SER A 41 -0.55 -29.68 8.94
CA SER A 41 0.66 -30.54 9.10
C SER A 41 0.99 -30.74 10.58
N ASP A 42 1.69 -31.82 10.94
N ASP A 42 1.72 -31.79 10.88
CA ASP A 42 2.00 -32.06 12.39
CA ASP A 42 2.02 -32.10 12.31
C ASP A 42 2.75 -30.84 12.94
C ASP A 42 2.83 -30.95 12.94
N ASP A 43 3.66 -30.24 12.17
CA ASP A 43 4.43 -29.08 12.71
C ASP A 43 3.58 -27.80 12.72
N GLN A 44 2.36 -27.89 12.21
CA GLN A 44 1.34 -26.79 12.26
C GLN A 44 1.79 -25.61 11.41
N ARG A 45 2.68 -25.77 10.48
CA ARG A 45 3.03 -24.65 9.57
C ARG A 45 2.40 -24.81 8.20
N SER A 46 1.96 -25.99 7.80
CA SER A 46 1.54 -26.23 6.40
C SER A 46 0.08 -26.66 6.33
N LEU A 47 -0.55 -26.34 5.21
CA LEU A 47 -1.98 -26.53 4.96
C LEU A 47 -2.20 -27.20 3.61
N GLN A 48 -3.01 -28.23 3.60
CA GLN A 48 -3.47 -28.87 2.35
C GLN A 48 -4.98 -29.06 2.40
N ARG A 49 -5.50 -29.49 1.26
CA ARG A 49 -6.94 -29.79 1.11
C ARG A 49 -7.13 -31.26 0.78
N ALA A 50 -8.17 -31.80 1.35
CA ALA A 50 -8.59 -33.20 1.16
C ALA A 50 -9.56 -33.26 -0.03
N ASP A 51 -9.78 -34.46 -0.52
CA ASP A 51 -10.75 -34.65 -1.62
C ASP A 51 -12.17 -34.45 -1.13
N GLU A 52 -12.45 -34.64 0.14
CA GLU A 52 -13.82 -34.49 0.70
C GLU A 52 -13.67 -34.17 2.16
N ARG A 53 -14.74 -33.69 2.79
CA ARG A 53 -14.74 -33.44 4.24
C ARG A 53 -14.32 -34.70 4.99
N GLN A 54 -13.42 -34.50 5.95
CA GLN A 54 -13.04 -35.58 6.88
C GLN A 54 -14.00 -35.51 8.04
N ASN A 55 -14.00 -36.55 8.86
CA ASN A 55 -14.88 -36.66 10.03
C ASN A 55 -14.18 -36.01 11.23
N LEU A 56 -14.65 -34.82 11.60
CA LEU A 56 -14.10 -33.98 12.70
C LEU A 56 -15.30 -33.61 13.58
N PRO A 57 -15.10 -33.38 14.89
CA PRO A 57 -16.12 -32.76 15.73
C PRO A 57 -16.49 -31.37 15.24
N ASP A 58 -17.73 -30.94 15.41
CA ASP A 58 -18.18 -29.57 15.03
C ASP A 58 -18.06 -28.62 16.23
N ASN A 59 -16.89 -28.57 16.87
CA ASN A 59 -16.65 -27.65 18.02
C ASN A 59 -16.88 -26.21 17.55
N PRO A 60 -17.27 -25.28 18.45
CA PRO A 60 -17.69 -23.95 18.02
C PRO A 60 -16.65 -23.12 17.27
N GLU A 61 -15.36 -23.34 17.53
CA GLU A 61 -14.29 -22.53 16.90
C GLU A 61 -14.13 -22.95 15.42
N ARG A 62 -14.62 -24.13 15.03
CA ARG A 62 -14.30 -24.65 13.70
C ARG A 62 -15.06 -23.93 12.59
N PHE A 63 -14.36 -23.54 11.53
CA PHE A 63 -15.01 -23.05 10.29
C PHE A 63 -15.69 -24.21 9.60
N ASP A 64 -17.01 -24.21 9.52
CA ASP A 64 -17.72 -25.35 8.92
C ASP A 64 -18.00 -25.12 7.45
N TRP A 65 -18.18 -23.87 7.02
CA TRP A 65 -18.47 -23.59 5.60
C TRP A 65 -17.21 -23.21 4.84
N HIS A 66 -16.59 -22.11 5.24
CA HIS A 66 -15.41 -21.59 4.55
C HIS A 66 -14.20 -22.47 4.83
N TYR A 67 -13.35 -22.61 3.81
CA TYR A 67 -12.17 -23.51 3.84
C TYR A 67 -11.02 -22.78 4.51
N CYS A 68 -11.26 -22.37 5.77
N CYS A 68 -11.19 -22.38 5.76
CA CYS A 68 -10.38 -21.49 6.57
CA CYS A 68 -10.12 -21.62 6.41
C CYS A 68 -9.78 -22.22 7.78
C CYS A 68 -9.78 -22.20 7.78
N VAL A 69 -8.71 -21.65 8.28
CA VAL A 69 -8.02 -22.07 9.52
C VAL A 69 -7.39 -20.83 10.12
N LEU A 70 -7.36 -20.78 11.44
CA LEU A 70 -6.74 -19.65 12.18
C LEU A 70 -5.37 -20.04 12.67
N GLY A 71 -4.56 -19.03 13.01
CA GLY A 71 -3.40 -19.18 13.89
C GLY A 71 -3.81 -19.57 15.31
N CYS A 72 -2.83 -19.84 16.17
CA CYS A 72 -3.06 -20.25 17.57
C CYS A 72 -2.98 -19.07 18.54
N LYS A 73 -2.58 -17.88 18.09
CA LYS A 73 -2.50 -16.69 18.96
C LYS A 73 -3.16 -15.53 18.25
N SER A 74 -3.82 -14.68 19.01
CA SER A 74 -4.50 -13.49 18.50
C SER A 74 -3.71 -12.25 18.87
N PHE A 75 -4.07 -11.17 18.21
CA PHE A 75 -3.50 -9.82 18.43
C PHE A 75 -4.61 -8.87 18.85
N THR A 76 -4.36 -8.15 19.92
CA THR A 76 -5.30 -7.11 20.41
C THR A 76 -4.67 -5.72 20.40
N SER A 77 -3.41 -5.64 20.00
CA SER A 77 -2.63 -4.39 20.06
C SER A 77 -1.33 -4.60 19.32
N GLY A 78 -0.76 -3.53 18.79
CA GLY A 78 0.62 -3.59 18.33
C GLY A 78 0.77 -3.87 16.85
N ARG A 79 2.02 -3.81 16.44
CA ARG A 79 2.44 -4.01 15.05
C ARG A 79 3.07 -5.39 14.94
N HIS A 80 2.61 -6.18 13.97
CA HIS A 80 2.96 -7.60 13.83
C HIS A 80 3.12 -7.94 12.36
N TYR A 81 4.00 -8.87 12.07
CA TYR A 81 4.07 -9.41 10.69
C TYR A 81 4.41 -10.89 10.73
N TRP A 82 3.99 -11.56 9.66
CA TRP A 82 4.41 -12.93 9.37
C TRP A 82 4.45 -13.09 7.86
N GLU A 83 5.15 -14.10 7.41
CA GLU A 83 5.37 -14.36 5.98
C GLU A 83 4.92 -15.78 5.66
N VAL A 84 4.33 -15.90 4.48
CA VAL A 84 3.67 -17.14 4.01
C VAL A 84 4.26 -17.50 2.67
N GLU A 85 4.78 -18.73 2.57
CA GLU A 85 5.26 -19.30 1.31
C GLU A 85 4.08 -19.86 0.53
N VAL A 86 3.58 -19.10 -0.42
CA VAL A 86 2.45 -19.51 -1.31
C VAL A 86 3.03 -20.27 -2.50
N GLY A 87 4.32 -20.10 -2.76
CA GLY A 87 4.98 -20.83 -3.85
C GLY A 87 4.21 -20.75 -5.16
N ASP A 88 4.15 -21.87 -5.87
CA ASP A 88 3.50 -21.99 -7.21
CA ASP A 88 3.48 -21.93 -7.21
C ASP A 88 2.00 -22.28 -7.06
N ARG A 89 1.40 -22.11 -5.88
CA ARG A 89 -0.04 -22.40 -5.78
C ARG A 89 -0.78 -21.53 -6.78
N LYS A 90 -1.82 -22.08 -7.36
CA LYS A 90 -2.73 -21.37 -8.28
C LYS A 90 -3.82 -20.63 -7.55
N GLU A 91 -4.02 -20.88 -6.26
CA GLU A 91 -5.17 -20.34 -5.50
C GLU A 91 -4.79 -20.32 -4.02
N TRP A 92 -5.12 -19.23 -3.36
CA TRP A 92 -4.95 -19.08 -1.90
C TRP A 92 -5.55 -17.75 -1.48
N HIS A 93 -5.89 -17.58 -0.21
CA HIS A 93 -6.16 -16.26 0.40
C HIS A 93 -5.60 -16.27 1.80
N ILE A 94 -5.03 -15.15 2.23
CA ILE A 94 -4.44 -15.00 3.57
C ILE A 94 -4.76 -13.61 4.10
N GLY A 95 -4.74 -13.47 5.41
CA GLY A 95 -4.81 -12.16 6.06
C GLY A 95 -5.13 -12.31 7.52
N VAL A 96 -6.09 -11.51 8.00
CA VAL A 96 -6.54 -11.56 9.41
C VAL A 96 -8.05 -11.54 9.41
N CYS A 97 -8.58 -12.00 10.51
CA CYS A 97 -10.01 -11.84 10.79
C CYS A 97 -10.28 -11.65 12.27
N GLN A 98 -11.42 -11.04 12.56
CA GLN A 98 -11.86 -10.84 13.94
C GLN A 98 -12.24 -12.17 14.60
N GLU A 99 -12.07 -12.23 15.92
CA GLU A 99 -12.50 -13.40 16.72
C GLU A 99 -14.00 -13.65 16.50
N ASN A 100 -14.78 -12.61 16.28
CA ASN A 100 -16.26 -12.71 16.26
C ASN A 100 -16.81 -13.04 14.88
N VAL A 101 -15.99 -13.39 13.89
CA VAL A 101 -16.56 -13.71 12.54
C VAL A 101 -17.50 -14.93 12.67
N GLU A 102 -18.45 -14.96 11.76
CA GLU A 102 -19.34 -16.13 11.61
C GLU A 102 -18.54 -17.33 11.11
N ARG A 103 -18.57 -18.41 11.87
CA ARG A 103 -17.80 -19.63 11.51
C ARG A 103 -18.68 -20.74 10.95
N LYS A 104 -19.98 -20.70 11.14
CA LYS A 104 -20.84 -21.85 10.77
C LYS A 104 -21.60 -21.60 9.49
N CYS A 105 -22.46 -20.57 9.50
N CYS A 105 -22.51 -20.64 9.44
CA CYS A 105 -23.27 -20.04 8.36
CA CYS A 105 -23.20 -20.40 8.17
C CYS A 105 -22.34 -19.38 7.34
C CYS A 105 -22.25 -19.64 7.26
N TRP A 106 -22.72 -19.38 6.06
CA TRP A 106 -21.97 -18.56 5.08
C TRP A 106 -22.11 -17.09 5.45
N VAL A 107 -21.00 -16.39 5.31
CA VAL A 107 -20.97 -14.90 5.23
C VAL A 107 -19.97 -14.62 4.12
N LYS A 108 -20.15 -13.48 3.47
CA LYS A 108 -19.15 -13.04 2.50
C LYS A 108 -17.88 -12.59 3.24
N MET A 109 -16.72 -13.05 2.79
CA MET A 109 -15.45 -12.69 3.48
C MET A 109 -15.04 -11.29 3.07
N THR A 110 -15.56 -10.30 3.78
CA THR A 110 -15.33 -8.86 3.53
C THR A 110 -14.95 -8.18 4.83
N PRO A 111 -14.36 -6.97 4.78
CA PRO A 111 -14.07 -6.23 6.02
C PRO A 111 -15.29 -5.97 6.90
N GLU A 112 -16.41 -5.66 6.25
CA GLU A 112 -17.67 -5.43 6.98
C GLU A 112 -18.02 -6.68 7.82
N ASN A 113 -17.66 -7.87 7.36
CA ASN A 113 -17.97 -9.10 8.12
C ASN A 113 -16.77 -9.55 8.97
N GLY A 114 -15.70 -8.76 9.04
CA GLY A 114 -14.57 -9.02 9.95
C GLY A 114 -13.44 -9.79 9.31
N PHE A 115 -13.30 -9.74 7.98
CA PHE A 115 -12.20 -10.43 7.25
C PHE A 115 -11.41 -9.43 6.42
N TRP A 116 -10.07 -9.52 6.48
CA TRP A 116 -9.11 -8.72 5.69
C TRP A 116 -8.16 -9.67 5.01
N THR A 117 -8.48 -10.06 3.78
CA THR A 117 -7.64 -11.02 3.04
C THR A 117 -7.39 -10.57 1.62
N VAL A 118 -6.28 -11.03 1.08
CA VAL A 118 -6.00 -10.93 -0.37
C VAL A 118 -5.65 -12.32 -0.85
N GLY A 119 -5.68 -12.50 -2.16
CA GLY A 119 -5.18 -13.78 -2.69
C GLY A 119 -5.28 -13.88 -4.16
N LEU A 120 -5.30 -15.11 -4.60
CA LEU A 120 -5.05 -15.51 -5.98
C LEU A 120 -6.06 -16.56 -6.38
N THR A 121 -6.57 -16.44 -7.60
CA THR A 121 -7.44 -17.47 -8.21
C THR A 121 -6.97 -17.75 -9.64
N ASP A 122 -7.10 -19.00 -10.08
CA ASP A 122 -6.86 -19.41 -11.50
C ASP A 122 -5.43 -19.07 -11.93
N GLY A 123 -4.47 -19.16 -11.03
CA GLY A 123 -3.04 -19.00 -11.32
C GLY A 123 -2.62 -17.56 -11.51
N SER A 124 -3.51 -16.65 -11.94
CA SER A 124 -3.06 -15.29 -12.35
C SER A 124 -3.96 -14.14 -11.87
N LYS A 125 -5.09 -14.38 -11.23
CA LYS A 125 -6.06 -13.33 -10.84
C LYS A 125 -5.83 -12.96 -9.38
N TYR A 126 -5.01 -11.96 -9.12
CA TYR A 126 -4.76 -11.44 -7.75
C TYR A 126 -5.86 -10.46 -7.39
N ARG A 127 -6.46 -10.63 -6.22
CA ARG A 127 -7.57 -9.77 -5.77
C ARG A 127 -7.43 -9.43 -4.29
N ALA A 128 -7.88 -8.26 -3.88
CA ALA A 128 -8.12 -7.98 -2.47
C ALA A 128 -9.59 -8.16 -2.22
N LEU A 129 -9.94 -8.81 -1.13
CA LEU A 129 -11.36 -9.10 -0.83
C LEU A 129 -11.93 -7.93 -0.02
N SER A 130 -11.74 -6.73 -0.54
CA SER A 130 -12.56 -5.53 -0.23
C SER A 130 -13.95 -5.79 -0.81
N ASP A 131 -14.89 -4.90 -0.52
CA ASP A 131 -16.26 -4.97 -1.10
C ASP A 131 -16.57 -3.60 -1.71
N PRO A 132 -16.56 -3.43 -3.04
CA PRO A 132 -16.29 -4.52 -3.97
C PRO A 132 -14.81 -4.96 -3.96
N ARG A 133 -14.57 -6.12 -4.55
CA ARG A 133 -13.22 -6.72 -4.65
C ARG A 133 -12.34 -5.78 -5.46
N THR A 134 -11.06 -5.69 -5.10
CA THR A 134 -10.07 -4.86 -5.82
C THR A 134 -9.26 -5.75 -6.73
N LYS A 135 -9.21 -5.46 -8.03
CA LYS A 135 -8.34 -6.19 -8.97
C LYS A 135 -6.95 -5.65 -8.73
N LEU A 136 -6.00 -6.54 -8.47
CA LEU A 136 -4.60 -6.17 -8.21
C LEU A 136 -3.80 -6.40 -9.47
N THR A 137 -2.78 -5.56 -9.62
N THR A 137 -2.74 -5.64 -9.63
CA THR A 137 -1.75 -5.66 -10.68
CA THR A 137 -1.82 -5.79 -10.78
C THR A 137 -0.43 -6.05 -10.02
C THR A 137 -0.42 -6.01 -10.22
N VAL A 138 0.06 -7.24 -10.33
CA VAL A 138 1.31 -7.73 -9.72
C VAL A 138 2.30 -8.08 -10.83
N ALA A 139 3.44 -7.41 -10.86
CA ALA A 139 4.44 -7.47 -11.95
C ALA A 139 5.11 -8.84 -11.96
N ASN A 140 5.41 -9.37 -10.77
CA ASN A 140 6.04 -10.70 -10.63
C ASN A 140 5.19 -11.47 -9.64
N PRO A 141 4.75 -12.71 -9.95
CA PRO A 141 3.93 -13.47 -9.01
C PRO A 141 4.74 -13.74 -7.76
N PRO A 142 4.26 -13.34 -6.56
CA PRO A 142 5.01 -13.58 -5.34
C PRO A 142 5.05 -15.06 -4.96
N GLN A 143 6.23 -15.51 -4.57
CA GLN A 143 6.38 -16.87 -3.96
C GLN A 143 6.17 -16.80 -2.45
N ARG A 144 6.46 -15.65 -1.86
CA ARG A 144 6.37 -15.45 -0.40
C ARG A 144 5.72 -14.10 -0.16
N VAL A 145 4.71 -14.08 0.69
CA VAL A 145 3.88 -12.87 0.94
C VAL A 145 4.01 -12.52 2.40
N GLY A 146 4.38 -11.29 2.70
CA GLY A 146 4.36 -10.73 4.06
C GLY A 146 3.01 -10.10 4.37
N VAL A 147 2.46 -10.43 5.53
CA VAL A 147 1.20 -9.88 6.08
C VAL A 147 1.62 -8.96 7.23
N PHE A 148 1.18 -7.70 7.21
CA PHE A 148 1.57 -6.64 8.19
C PHE A 148 0.35 -6.06 8.83
N LEU A 149 0.30 -6.10 10.14
CA LEU A 149 -0.84 -5.65 10.95
C LEU A 149 -0.37 -4.53 11.87
N ASP A 150 -1.11 -3.43 11.90
CA ASP A 150 -1.02 -2.41 12.99
C ASP A 150 -2.40 -2.26 13.60
N TYR A 151 -2.59 -2.86 14.77
CA TYR A 151 -3.93 -2.95 15.38
C TYR A 151 -4.49 -1.55 15.62
N GLU A 152 -3.68 -0.70 16.25
CA GLU A 152 -4.13 0.64 16.73
C GLU A 152 -4.56 1.55 15.58
N THR A 153 -3.94 1.45 14.41
CA THR A 153 -4.32 2.32 13.29
C THR A 153 -5.22 1.60 12.30
N GLY A 154 -5.59 0.34 12.58
CA GLY A 154 -6.51 -0.35 11.68
C GLY A 154 -5.92 -0.69 10.33
N GLU A 155 -4.63 -1.05 10.33
CA GLU A 155 -3.89 -1.26 9.06
C GLU A 155 -3.58 -2.73 8.81
N VAL A 156 -3.94 -3.17 7.62
CA VAL A 156 -3.57 -4.54 7.13
C VAL A 156 -2.95 -4.34 5.75
N SER A 157 -1.70 -4.72 5.58
CA SER A 157 -1.04 -4.58 4.27
C SER A 157 -0.24 -5.83 3.94
N PHE A 158 0.13 -5.95 2.67
CA PHE A 158 0.70 -7.17 2.08
C PHE A 158 1.82 -6.77 1.13
N TYR A 159 2.92 -7.52 1.22
CA TYR A 159 4.13 -7.31 0.40
C TYR A 159 4.60 -8.61 -0.20
N ASN A 160 5.28 -8.52 -1.33
CA ASN A 160 6.16 -9.58 -1.87
C ASN A 160 7.40 -9.62 -0.96
N ALA A 161 7.55 -10.65 -0.13
CA ALA A 161 8.57 -10.73 0.93
C ALA A 161 9.95 -10.97 0.32
N MET A 162 10.05 -11.31 -0.96
CA MET A 162 11.39 -11.62 -1.55
C MET A 162 11.96 -10.36 -2.22
N ASP A 163 11.16 -9.43 -2.74
CA ASP A 163 11.72 -8.22 -3.40
C ASP A 163 11.21 -6.93 -2.75
N GLY A 164 10.37 -7.00 -1.71
CA GLY A 164 9.90 -5.80 -1.00
C GLY A 164 8.81 -5.03 -1.72
N SER A 165 8.35 -5.46 -2.89
CA SER A 165 7.30 -4.70 -3.59
C SER A 165 5.99 -4.79 -2.80
N HIS A 166 5.26 -3.70 -2.73
CA HIS A 166 3.95 -3.63 -2.04
C HIS A 166 2.89 -4.30 -2.91
N ILE A 167 1.98 -5.05 -2.28
CA ILE A 167 0.85 -5.67 -3.01
C ILE A 167 -0.45 -4.89 -2.77
N TYR A 168 -0.84 -4.69 -1.50
CA TYR A 168 -2.16 -4.09 -1.19
C TYR A 168 -2.16 -3.61 0.25
N THR A 169 -2.83 -2.47 0.48
CA THR A 169 -3.16 -1.99 1.83
C THR A 169 -4.66 -1.75 1.86
N PHE A 170 -5.36 -2.35 2.80
CA PHE A 170 -6.80 -2.10 3.01
C PHE A 170 -6.97 -0.67 3.48
N PRO A 171 -8.14 -0.06 3.24
CA PRO A 171 -8.39 1.21 3.90
C PRO A 171 -8.17 1.06 5.40
N HIS A 172 -7.61 2.05 6.08
CA HIS A 172 -7.52 2.02 7.54
C HIS A 172 -8.92 1.88 8.13
N THR A 173 -9.05 1.09 9.18
CA THR A 173 -10.37 0.79 9.74
C THR A 173 -10.30 0.86 11.25
N PHE A 174 -11.37 0.42 11.88
CA PHE A 174 -11.44 0.22 13.34
C PHE A 174 -11.74 -1.26 13.61
N PHE A 175 -10.78 -1.95 14.23
CA PHE A 175 -11.00 -3.36 14.60
C PHE A 175 -11.90 -3.45 15.81
N SER A 176 -12.65 -4.54 15.87
CA SER A 176 -13.44 -4.89 17.08
C SER A 176 -12.95 -6.24 17.62
N GLY A 177 -12.36 -6.23 18.80
CA GLY A 177 -11.92 -7.46 19.45
C GLY A 177 -10.59 -7.95 18.89
N PRO A 178 -10.18 -9.16 19.29
CA PRO A 178 -8.91 -9.75 18.87
C PRO A 178 -8.94 -10.13 17.39
N LEU A 179 -7.79 -10.01 16.75
CA LEU A 179 -7.56 -10.44 15.37
C LEU A 179 -6.75 -11.71 15.34
N TRP A 180 -7.08 -12.55 14.37
CA TRP A 180 -6.38 -13.85 14.20
C TRP A 180 -5.79 -13.88 12.81
N PRO A 181 -4.58 -14.43 12.62
CA PRO A 181 -4.13 -14.81 11.28
C PRO A 181 -5.13 -15.83 10.70
N VAL A 182 -5.54 -15.65 9.46
CA VAL A 182 -6.47 -16.58 8.78
C VAL A 182 -5.83 -17.01 7.44
N PHE A 183 -6.12 -18.24 7.06
CA PHE A 183 -5.58 -18.85 5.83
C PHE A 183 -6.71 -19.63 5.17
N ARG A 184 -6.77 -19.59 3.86
CA ARG A 184 -7.90 -20.22 3.12
CA ARG A 184 -7.91 -20.21 3.11
C ARG A 184 -7.37 -20.81 1.82
N ILE A 185 -7.68 -22.07 1.57
CA ILE A 185 -7.37 -22.69 0.25
C ILE A 185 -8.62 -23.40 -0.21
N LEU A 186 -8.96 -23.23 -1.48
CA LEU A 186 -10.18 -23.87 -2.04
C LEU A 186 -9.86 -25.08 -2.90
N THR A 187 -8.67 -25.16 -3.45
CA THR A 187 -8.29 -26.15 -4.49
C THR A 187 -7.52 -27.30 -3.88
N LEU A 188 -7.52 -28.41 -4.62
CA LEU A 188 -6.69 -29.60 -4.37
C LEU A 188 -5.60 -29.54 -5.43
N GLU A 189 -4.36 -29.23 -5.02
CA GLU A 189 -3.23 -29.02 -5.93
C GLU A 189 -1.96 -29.43 -5.19
N PRO A 190 -0.84 -29.72 -5.90
CA PRO A 190 0.32 -30.35 -5.28
C PRO A 190 1.01 -29.51 -4.21
N THR A 191 1.02 -28.19 -4.34
CA THR A 191 1.83 -27.29 -3.49
C THR A 191 1.00 -26.91 -2.28
N ALA A 192 1.53 -27.11 -1.07
CA ALA A 192 0.89 -26.67 0.17
C ALA A 192 1.04 -25.17 0.36
N LEU A 193 0.22 -24.62 1.21
CA LEU A 193 0.46 -23.26 1.79
C LEU A 193 1.32 -23.46 3.05
N THR A 194 2.42 -22.77 3.20
CA THR A 194 3.32 -22.98 4.37
C THR A 194 3.71 -21.66 5.03
N ILE A 195 3.59 -21.57 6.34
CA ILE A 195 3.99 -20.38 7.12
C ILE A 195 5.51 -20.44 7.30
N CYS A 196 6.16 -19.32 7.06
CA CYS A 196 7.60 -19.17 7.35
C CYS A 196 7.77 -18.96 8.85
N PRO A 197 8.62 -19.75 9.52
CA PRO A 197 8.86 -19.53 10.94
C PRO A 197 9.51 -18.17 11.17
N ALA A 198 9.24 -17.59 12.34
CA ALA A 198 9.81 -16.29 12.77
C ALA A 198 11.35 -16.40 12.91
N GLY B 8 -17.67 8.97 6.35
CA GLY B 8 -18.02 7.99 7.43
C GLY B 8 -16.79 7.36 8.07
N GLU B 9 -16.87 6.07 8.39
CA GLU B 9 -15.87 5.35 9.19
C GLU B 9 -14.54 5.33 8.42
N LYS B 10 -14.56 5.16 7.10
CA LYS B 10 -13.24 5.04 6.39
C LYS B 10 -12.53 6.39 6.50
N SER B 11 -13.23 7.51 6.32
CA SER B 11 -12.63 8.85 6.46
C SER B 11 -12.14 9.04 7.89
N GLN B 12 -12.88 8.60 8.90
CA GLN B 12 -12.48 8.82 10.32
C GLN B 12 -11.19 8.03 10.59
N ALA B 13 -11.12 6.80 10.12
CA ALA B 13 -9.95 5.94 10.41
C ALA B 13 -8.72 6.48 9.65
N TYR B 14 -8.92 7.01 8.45
CA TYR B 14 -7.82 7.66 7.69
C TYR B 14 -7.34 8.86 8.51
N ALA B 15 -8.26 9.68 8.99
CA ALA B 15 -7.88 10.84 9.82
C ALA B 15 -7.12 10.41 11.09
N GLU B 16 -7.59 9.40 11.82
CA GLU B 16 -6.93 8.98 13.07
C GLU B 16 -5.53 8.43 12.77
N TRP B 17 -5.39 7.71 11.67
CA TRP B 17 -4.09 7.10 11.30
C TRP B 17 -3.09 8.21 10.99
N LYS B 18 -3.48 9.15 10.15
CA LYS B 18 -2.51 10.18 9.74
C LYS B 18 -2.11 11.01 10.96
N LYS B 19 -3.04 11.27 11.86
CA LYS B 19 -2.77 12.07 13.08
C LYS B 19 -1.88 11.28 14.05
N ALA B 20 -2.07 9.96 14.15
CA ALA B 20 -1.31 9.16 15.13
C ALA B 20 0.17 9.06 14.75
N LEU B 21 0.48 9.00 13.45
CA LEU B 21 1.81 8.56 13.03
C LEU B 21 2.58 9.60 12.20
N PHE B 22 1.92 10.56 11.52
CA PHE B 22 2.60 11.46 10.57
C PHE B 22 2.47 12.91 11.04
N GLN B 23 3.58 13.64 10.99
CA GLN B 23 3.61 15.10 11.26
C GLN B 23 2.92 15.81 10.11
N PRO B 24 1.91 16.65 10.35
CA PRO B 24 1.24 17.35 9.28
C PRO B 24 2.14 18.45 8.70
N ALA B 25 2.47 18.36 7.43
CA ALA B 25 3.31 19.37 6.75
C ALA B 25 2.41 20.46 6.21
N ASP B 26 2.86 21.69 6.41
CA ASP B 26 2.17 22.84 5.80
C ASP B 26 3.04 23.26 4.62
N VAL B 27 2.62 22.84 3.44
CA VAL B 27 3.50 22.90 2.25
C VAL B 27 3.09 24.10 1.40
N ILE B 28 4.10 24.92 1.04
CA ILE B 28 3.89 26.03 0.08
C ILE B 28 4.89 25.90 -1.05
N LEU B 29 4.48 26.29 -2.25
CA LEU B 29 5.33 26.14 -3.45
C LEU B 29 6.40 27.24 -3.49
N ASP B 30 7.61 26.87 -3.86
CA ASP B 30 8.74 27.83 -4.00
C ASP B 30 8.82 28.27 -5.45
N PRO B 31 8.34 29.48 -5.81
CA PRO B 31 8.39 29.92 -7.20
C PRO B 31 9.82 30.02 -7.77
N ASN B 32 10.81 30.16 -6.93
CA ASN B 32 12.24 30.24 -7.35
C ASN B 32 12.66 28.89 -7.99
N THR B 33 12.00 27.79 -7.61
CA THR B 33 12.36 26.45 -8.09
C THR B 33 11.58 26.08 -9.34
N ALA B 34 10.49 26.80 -9.63
CA ALA B 34 9.51 26.36 -10.62
C ALA B 34 10.09 26.49 -12.02
N ASN B 35 9.90 25.46 -12.81
CA ASN B 35 10.16 25.53 -14.27
C ASN B 35 9.46 26.78 -14.80
N PRO B 36 10.06 27.55 -15.73
CA PRO B 36 9.47 28.80 -16.23
C PRO B 36 8.11 28.70 -16.93
N ILE B 37 7.68 27.52 -17.33
CA ILE B 37 6.31 27.34 -17.88
C ILE B 37 5.27 27.25 -16.77
N LEU B 38 5.68 27.15 -15.52
CA LEU B 38 4.70 27.04 -14.40
C LEU B 38 4.33 28.41 -13.86
N LEU B 39 3.11 28.50 -13.35
CA LEU B 39 2.58 29.65 -12.59
C LEU B 39 2.26 29.20 -11.18
N VAL B 40 2.93 29.82 -10.22
CA VAL B 40 2.68 29.60 -8.77
C VAL B 40 1.82 30.76 -8.28
N SER B 41 0.75 30.42 -7.58
CA SER B 41 -0.21 31.43 -7.08
C SER B 41 0.46 32.34 -6.07
N ASP B 42 -0.14 33.50 -5.84
CA ASP B 42 0.44 34.47 -4.88
C ASP B 42 0.54 33.83 -3.50
N ASP B 43 -0.49 33.07 -3.08
CA ASP B 43 -0.50 32.43 -1.74
C ASP B 43 0.37 31.17 -1.70
N GLN B 44 0.99 30.79 -2.79
CA GLN B 44 1.95 29.67 -2.90
C GLN B 44 1.26 28.33 -2.64
N ARG B 45 -0.07 28.23 -2.79
CA ARG B 45 -0.78 26.93 -2.65
C ARG B 45 -1.16 26.33 -3.99
N SER B 46 -1.26 27.10 -5.08
CA SER B 46 -1.87 26.63 -6.33
C SER B 46 -0.83 26.67 -7.43
N LEU B 47 -0.94 25.70 -8.33
CA LEU B 47 -0.02 25.55 -9.47
C LEU B 47 -0.84 25.43 -10.74
N GLN B 48 -0.45 26.23 -11.74
CA GLN B 48 -1.02 26.15 -13.10
C GLN B 48 0.13 26.14 -14.12
N ARG B 49 -0.19 25.79 -15.34
CA ARG B 49 0.78 25.91 -16.46
C ARG B 49 0.44 27.13 -17.31
N ALA B 50 1.48 27.82 -17.75
CA ALA B 50 1.34 28.92 -18.73
C ALA B 50 1.30 28.36 -20.16
N ASP B 51 0.94 29.19 -21.14
CA ASP B 51 0.89 28.75 -22.57
C ASP B 51 2.31 28.48 -23.03
N GLU B 52 3.21 29.36 -22.60
CA GLU B 52 4.60 29.38 -23.06
C GLU B 52 5.50 29.60 -21.85
N ARG B 53 6.74 29.14 -21.94
CA ARG B 53 7.76 29.45 -20.94
C ARG B 53 7.79 30.95 -20.78
N GLN B 54 7.81 31.38 -19.54
CA GLN B 54 8.02 32.78 -19.15
C GLN B 54 9.51 33.06 -19.23
N ASN B 55 9.88 34.31 -19.32
CA ASN B 55 11.31 34.71 -19.28
C ASN B 55 11.65 34.95 -17.82
N LEU B 56 12.34 34.00 -17.21
CA LEU B 56 12.70 34.03 -15.79
C LEU B 56 14.15 33.63 -15.70
N PRO B 57 14.87 34.04 -14.60
CA PRO B 57 16.28 33.73 -14.49
C PRO B 57 16.53 32.24 -14.27
N ASP B 58 17.53 31.71 -14.95
CA ASP B 58 17.97 30.30 -14.81
C ASP B 58 18.93 30.20 -13.63
N ASN B 59 18.45 30.55 -12.44
CA ASN B 59 19.24 30.41 -11.20
C ASN B 59 19.37 28.92 -10.91
N PRO B 60 20.42 28.51 -10.18
CA PRO B 60 20.75 27.10 -10.02
C PRO B 60 19.59 26.27 -9.48
N GLU B 61 18.80 26.83 -8.56
CA GLU B 61 17.73 26.04 -7.91
C GLU B 61 16.54 25.78 -8.85
N ARG B 62 16.46 26.46 -9.99
CA ARG B 62 15.25 26.36 -10.85
C ARG B 62 15.29 25.09 -11.73
N PHE B 63 14.19 24.34 -11.75
CA PHE B 63 14.02 23.24 -12.74
C PHE B 63 13.91 23.85 -14.14
N ASP B 64 14.78 23.40 -15.03
CA ASP B 64 14.79 23.97 -16.39
C ASP B 64 14.28 22.98 -17.42
N TRP B 65 14.36 21.68 -17.16
CA TRP B 65 13.91 20.63 -18.12
C TRP B 65 12.51 20.13 -17.74
N HIS B 66 12.41 19.47 -16.61
CA HIS B 66 11.11 18.95 -16.14
C HIS B 66 10.26 20.10 -15.65
N TYR B 67 8.95 19.95 -15.82
CA TYR B 67 7.95 20.97 -15.48
C TYR B 67 7.58 20.84 -13.99
N CYS B 68 8.58 21.02 -13.13
CA CYS B 68 8.50 20.70 -11.69
C CYS B 68 8.69 21.96 -10.87
N VAL B 69 8.15 21.89 -9.66
CA VAL B 69 8.34 22.88 -8.60
C VAL B 69 8.48 22.14 -7.28
N LEU B 70 9.24 22.71 -6.35
CA LEU B 70 9.43 22.19 -4.99
C LEU B 70 8.61 22.97 -3.97
N GLY B 71 8.42 22.34 -2.82
CA GLY B 71 8.02 23.06 -1.59
C GLY B 71 9.12 23.95 -1.06
N CYS B 72 8.77 24.74 -0.05
CA CYS B 72 9.69 25.67 0.63
C CYS B 72 10.42 25.04 1.82
N LYS B 73 10.14 23.78 2.15
CA LYS B 73 10.80 23.07 3.26
C LYS B 73 11.03 21.62 2.85
N SER B 74 12.18 21.11 3.21
CA SER B 74 12.59 19.71 2.98
C SER B 74 12.50 18.93 4.29
N PHE B 75 12.64 17.62 4.17
CA PHE B 75 12.60 16.68 5.29
C PHE B 75 13.88 15.87 5.27
N THR B 76 14.61 15.83 6.39
CA THR B 76 15.80 14.96 6.53
C THR B 76 15.57 13.88 7.58
N SER B 77 14.42 13.91 8.24
CA SER B 77 14.06 12.86 9.21
C SER B 77 12.54 12.91 9.37
N GLY B 78 11.99 11.85 9.94
CA GLY B 78 10.60 11.90 10.41
C GLY B 78 9.56 11.44 9.40
N ARG B 79 8.35 11.30 9.91
CA ARG B 79 7.16 10.96 9.11
C ARG B 79 6.35 12.23 8.90
N HIS B 80 5.95 12.48 7.66
CA HIS B 80 5.27 13.73 7.26
C HIS B 80 4.16 13.38 6.28
N TYR B 81 3.09 14.15 6.27
CA TYR B 81 2.08 14.01 5.23
C TYR B 81 1.56 15.38 4.85
N TRP B 82 1.10 15.43 3.64
CA TRP B 82 0.35 16.59 3.11
C TRP B 82 -0.66 16.11 2.08
N GLU B 83 -1.68 16.90 1.81
CA GLU B 83 -2.76 16.57 0.89
C GLU B 83 -2.84 17.62 -0.22
N VAL B 84 -3.14 17.12 -1.39
CA VAL B 84 -3.22 17.95 -2.63
C VAL B 84 -4.58 17.77 -3.28
N GLU B 85 -5.29 18.86 -3.54
CA GLU B 85 -6.56 18.85 -4.29
C GLU B 85 -6.23 18.79 -5.77
N VAL B 86 -6.31 17.61 -6.38
CA VAL B 86 -6.08 17.40 -7.82
C VAL B 86 -7.39 17.65 -8.58
N GLY B 87 -8.53 17.54 -7.90
CA GLY B 87 -9.84 17.72 -8.57
C GLY B 87 -9.96 16.91 -9.85
N ASP B 88 -10.55 17.47 -10.90
CA ASP B 88 -10.71 16.77 -12.21
C ASP B 88 -9.55 17.05 -13.15
N ARG B 89 -8.43 17.56 -12.65
CA ARG B 89 -7.29 17.86 -13.53
C ARG B 89 -6.85 16.56 -14.21
N LYS B 90 -6.74 16.55 -15.54
CA LYS B 90 -6.53 15.32 -16.34
C LYS B 90 -5.07 14.85 -16.31
N GLU B 91 -4.17 15.69 -15.83
CA GLU B 91 -2.73 15.38 -15.86
C GLU B 91 -2.05 16.04 -14.66
N TRP B 92 -1.27 15.23 -13.95
CA TRP B 92 -0.51 15.73 -12.78
C TRP B 92 0.34 14.60 -12.23
N HIS B 93 1.52 14.92 -11.69
CA HIS B 93 2.28 13.95 -10.88
C HIS B 93 2.82 14.64 -9.66
N ILE B 94 2.78 13.98 -8.52
CA ILE B 94 3.20 14.58 -7.22
C ILE B 94 3.96 13.55 -6.41
N GLY B 95 4.81 14.02 -5.52
CA GLY B 95 5.49 13.16 -4.56
C GLY B 95 6.64 13.89 -3.88
N VAL B 96 7.78 13.23 -3.78
CA VAL B 96 8.99 13.82 -3.18
C VAL B 96 10.16 13.59 -4.12
N CYS B 97 11.14 14.47 -4.00
CA CYS B 97 12.45 14.22 -4.65
C CYS B 97 13.60 14.67 -3.76
N GLN B 98 14.76 14.15 -4.07
CA GLN B 98 16.02 14.50 -3.36
C GLN B 98 16.48 15.91 -3.74
N GLU B 99 17.10 16.56 -2.77
CA GLU B 99 17.78 17.84 -3.04
C GLU B 99 18.74 17.68 -4.24
N ASN B 100 19.40 16.55 -4.39
CA ASN B 100 20.50 16.44 -5.37
C ASN B 100 20.03 16.04 -6.76
N VAL B 101 18.72 16.04 -7.05
CA VAL B 101 18.24 15.60 -8.40
C VAL B 101 18.85 16.50 -9.48
N GLU B 102 18.91 15.97 -10.68
CA GLU B 102 19.35 16.78 -11.84
C GLU B 102 18.20 17.74 -12.19
N ARG B 103 18.43 19.04 -12.10
CA ARG B 103 17.36 20.05 -12.34
C ARG B 103 17.45 20.65 -13.74
N LYS B 104 18.59 20.52 -14.44
CA LYS B 104 18.84 21.32 -15.66
C LYS B 104 18.72 20.47 -16.91
N CYS B 105 19.30 19.27 -16.87
N CYS B 105 19.31 19.29 -16.94
CA CYS B 105 19.41 18.33 -18.02
CA CYS B 105 19.27 18.49 -18.18
C CYS B 105 18.28 17.30 -17.99
C CYS B 105 18.31 17.31 -18.01
N TRP B 106 18.05 16.65 -19.13
CA TRP B 106 17.13 15.50 -19.24
C TRP B 106 17.58 14.43 -18.23
N VAL B 107 16.65 13.96 -17.42
CA VAL B 107 16.80 12.70 -16.64
C VAL B 107 15.39 12.11 -16.53
N LYS B 108 15.28 10.79 -16.46
CA LYS B 108 13.98 10.15 -16.22
C LYS B 108 13.62 10.31 -14.76
N MET B 109 12.39 10.72 -14.49
CA MET B 109 11.89 10.86 -13.10
C MET B 109 11.55 9.49 -12.51
N THR B 110 12.54 8.92 -11.84
CA THR B 110 12.53 7.56 -11.24
C THR B 110 13.18 7.59 -9.87
N PRO B 111 12.88 6.59 -9.02
CA PRO B 111 13.56 6.48 -7.75
C PRO B 111 15.09 6.47 -7.88
N GLU B 112 15.63 5.74 -8.86
CA GLU B 112 17.11 5.66 -9.02
C GLU B 112 17.69 7.07 -9.24
N ASN B 113 16.92 7.98 -9.84
CA ASN B 113 17.31 9.37 -10.14
C ASN B 113 16.81 10.32 -9.05
N GLY B 114 16.22 9.83 -7.96
CA GLY B 114 15.90 10.67 -6.81
C GLY B 114 14.46 11.17 -6.78
N PHE B 115 13.54 10.59 -7.54
CA PHE B 115 12.13 11.03 -7.59
C PHE B 115 11.17 9.88 -7.25
N TRP B 116 10.25 10.15 -6.34
CA TRP B 116 9.18 9.20 -5.96
C TRP B 116 7.84 9.90 -6.18
N THR B 117 7.25 9.67 -7.33
CA THR B 117 6.00 10.36 -7.75
C THR B 117 5.02 9.37 -8.37
N VAL B 118 3.75 9.73 -8.26
CA VAL B 118 2.63 9.04 -8.95
C VAL B 118 1.74 10.07 -9.58
N GLY B 119 0.87 9.64 -10.47
CA GLY B 119 -0.10 10.59 -11.01
C GLY B 119 -0.87 10.07 -12.17
N LEU B 120 -1.40 11.01 -12.92
CA LEU B 120 -2.46 10.79 -13.93
C LEU B 120 -2.04 11.38 -15.26
N THR B 121 -2.32 10.63 -16.33
CA THR B 121 -2.13 11.09 -17.73
C THR B 121 -3.45 10.95 -18.48
N ASP B 122 -3.79 11.97 -19.29
CA ASP B 122 -4.90 11.86 -20.26
C ASP B 122 -6.19 11.46 -19.56
N GLY B 123 -6.41 11.98 -18.36
CA GLY B 123 -7.67 11.85 -17.62
C GLY B 123 -7.90 10.49 -16.96
N SER B 124 -7.31 9.41 -17.44
CA SER B 124 -7.67 8.06 -16.94
C SER B 124 -6.47 7.15 -16.67
N LYS B 125 -5.24 7.50 -17.03
CA LYS B 125 -4.09 6.55 -16.90
C LYS B 125 -3.28 6.93 -15.66
N TYR B 126 -3.55 6.27 -14.56
CA TYR B 126 -2.79 6.41 -13.30
C TYR B 126 -1.52 5.57 -13.45
N ARG B 127 -0.40 6.12 -13.01
CA ARG B 127 0.90 5.45 -13.01
C ARG B 127 1.65 5.78 -11.73
N ALA B 128 2.47 4.85 -11.31
CA ALA B 128 3.59 5.15 -10.40
C ALA B 128 4.82 5.36 -11.28
N LEU B 129 5.61 6.39 -11.02
CA LEU B 129 6.79 6.65 -11.89
C LEU B 129 7.99 5.91 -11.32
N SER B 130 7.82 4.59 -11.22
CA SER B 130 8.86 3.53 -11.13
C SER B 130 9.56 3.40 -12.48
N ASP B 131 10.65 2.63 -12.52
CA ASP B 131 11.37 2.35 -13.78
C ASP B 131 11.38 0.85 -14.00
N PRO B 132 10.59 0.31 -14.98
CA PRO B 132 9.67 1.08 -15.80
C PRO B 132 8.39 1.50 -15.05
N ARG B 133 7.62 2.38 -15.66
CA ARG B 133 6.38 2.92 -15.09
C ARG B 133 5.43 1.77 -14.75
N THR B 134 4.76 1.86 -13.61
CA THR B 134 3.75 0.89 -13.13
C THR B 134 2.35 1.42 -13.43
N LYS B 135 1.56 0.72 -14.24
CA LYS B 135 0.16 1.13 -14.48
C LYS B 135 -0.66 0.81 -13.23
N LEU B 136 -1.42 1.77 -12.74
CA LEU B 136 -2.27 1.54 -11.55
C LEU B 136 -3.70 1.30 -12.02
N THR B 137 -4.47 0.62 -11.21
CA THR B 137 -5.92 0.42 -11.37
C THR B 137 -6.58 1.12 -10.19
N VAL B 138 -7.30 2.20 -10.43
CA VAL B 138 -7.93 3.02 -9.37
C VAL B 138 -9.43 3.00 -9.63
N ALA B 139 -10.21 2.34 -8.77
CA ALA B 139 -11.66 2.16 -8.94
C ALA B 139 -12.36 3.52 -8.87
N ASN B 140 -11.93 4.42 -7.98
CA ASN B 140 -12.56 5.75 -7.83
C ASN B 140 -11.47 6.82 -7.97
N PRO B 141 -11.56 7.64 -9.03
CA PRO B 141 -10.55 8.66 -9.27
C PRO B 141 -10.46 9.61 -8.10
N PRO B 142 -9.27 9.78 -7.47
CA PRO B 142 -9.19 10.68 -6.33
C PRO B 142 -9.32 12.16 -6.72
N GLN B 143 -10.00 12.95 -5.89
CA GLN B 143 -10.04 14.42 -6.01
C GLN B 143 -9.00 15.04 -5.09
N ARG B 144 -8.61 14.35 -4.03
CA ARG B 144 -7.63 14.86 -3.04
C ARG B 144 -6.71 13.69 -2.73
N VAL B 145 -5.40 13.90 -2.83
CA VAL B 145 -4.39 12.83 -2.67
C VAL B 145 -3.53 13.16 -1.47
N GLY B 146 -3.36 12.21 -0.56
CA GLY B 146 -2.46 12.35 0.58
C GLY B 146 -1.14 11.69 0.21
N VAL B 147 -0.09 12.44 0.48
CA VAL B 147 1.33 12.04 0.22
C VAL B 147 1.94 11.78 1.60
N PHE B 148 2.45 10.57 1.81
CA PHE B 148 2.96 10.09 3.12
C PHE B 148 4.42 9.70 2.97
N LEU B 149 5.25 10.32 3.78
CA LEU B 149 6.71 10.06 3.85
C LEU B 149 7.08 9.50 5.21
N ASP B 150 7.90 8.43 5.26
CA ASP B 150 8.62 8.01 6.49
C ASP B 150 10.09 7.98 6.12
N TYR B 151 10.81 9.05 6.48
CA TYR B 151 12.22 9.15 6.07
C TYR B 151 13.00 7.92 6.56
N GLU B 152 12.86 7.59 7.82
CA GLU B 152 13.74 6.56 8.46
C GLU B 152 13.54 5.18 7.82
N THR B 153 12.35 4.85 7.35
CA THR B 153 12.09 3.50 6.78
C THR B 153 12.05 3.55 5.26
N GLY B 154 12.31 4.71 4.68
CA GLY B 154 12.41 4.82 3.21
C GLY B 154 11.07 4.63 2.52
N GLU B 155 10.01 5.18 3.12
CA GLU B 155 8.64 4.87 2.68
C GLU B 155 7.97 6.10 2.02
N VAL B 156 7.44 5.91 0.83
CA VAL B 156 6.63 6.94 0.13
C VAL B 156 5.33 6.28 -0.32
N SER B 157 4.21 6.70 0.25
CA SER B 157 2.90 6.13 -0.11
C SER B 157 1.88 7.23 -0.36
N PHE B 158 0.80 6.84 -1.00
CA PHE B 158 -0.19 7.77 -1.57
C PHE B 158 -1.61 7.23 -1.35
N TYR B 159 -2.53 8.07 -0.89
CA TYR B 159 -3.90 7.66 -0.52
C TYR B 159 -4.88 8.61 -1.19
N ASN B 160 -6.09 8.12 -1.39
CA ASN B 160 -7.27 8.97 -1.64
C ASN B 160 -7.65 9.59 -0.31
N ALA B 161 -7.44 10.89 -0.13
CA ALA B 161 -7.60 11.57 1.15
C ALA B 161 -9.08 11.79 1.48
N MET B 162 -10.01 11.46 0.59
CA MET B 162 -11.46 11.63 0.90
C MET B 162 -12.03 10.31 1.45
N ASP B 163 -11.62 9.15 0.93
CA ASP B 163 -12.26 7.86 1.34
C ASP B 163 -11.23 6.95 2.01
N GLY B 164 -9.95 7.36 2.12
CA GLY B 164 -8.91 6.54 2.80
C GLY B 164 -8.38 5.40 1.94
N SER B 165 -8.83 5.24 0.71
CA SER B 165 -8.36 4.09 -0.07
C SER B 165 -6.89 4.31 -0.45
N HIS B 166 -6.14 3.22 -0.42
CA HIS B 166 -4.71 3.27 -0.77
C HIS B 166 -4.56 3.35 -2.28
N ILE B 167 -3.55 4.10 -2.72
CA ILE B 167 -3.23 4.24 -4.17
C ILE B 167 -1.94 3.46 -4.45
N TYR B 168 -0.84 3.76 -3.75
CA TYR B 168 0.47 3.15 -4.14
C TYR B 168 1.48 3.36 -3.03
N THR B 169 2.31 2.37 -2.83
CA THR B 169 3.48 2.42 -1.93
C THR B 169 4.70 2.00 -2.72
N PHE B 170 5.70 2.85 -2.86
CA PHE B 170 6.99 2.46 -3.45
C PHE B 170 7.60 1.37 -2.58
N PRO B 171 8.47 0.53 -3.16
CA PRO B 171 9.28 -0.32 -2.30
C PRO B 171 10.06 0.54 -1.31
N HIS B 172 10.16 0.05 -0.10
CA HIS B 172 11.02 0.70 0.92
C HIS B 172 12.42 0.82 0.31
N THR B 173 13.02 1.98 0.52
CA THR B 173 14.35 2.35 -0.02
C THR B 173 15.24 2.96 1.06
N PHE B 174 16.34 3.54 0.59
CA PHE B 174 17.25 4.38 1.39
C PHE B 174 17.35 5.76 0.73
N PHE B 175 17.04 6.82 1.48
CA PHE B 175 17.12 8.20 0.94
C PHE B 175 18.52 8.77 1.13
N SER B 176 18.94 9.64 0.22
CA SER B 176 20.21 10.39 0.32
C SER B 176 19.86 11.86 0.45
N GLY B 177 20.12 12.43 1.62
CA GLY B 177 19.97 13.87 1.82
C GLY B 177 18.51 14.26 1.97
N PRO B 178 18.22 15.56 1.90
CA PRO B 178 16.86 16.07 2.08
C PRO B 178 15.92 15.63 0.96
N LEU B 179 14.66 15.46 1.34
CA LEU B 179 13.54 15.27 0.40
C LEU B 179 12.66 16.49 0.39
N TRP B 180 12.26 16.89 -0.80
CA TRP B 180 11.35 18.03 -1.00
C TRP B 180 10.05 17.48 -1.54
N PRO B 181 8.90 18.06 -1.13
CA PRO B 181 7.68 17.90 -1.89
C PRO B 181 7.91 18.39 -3.31
N VAL B 182 7.47 17.63 -4.31
CA VAL B 182 7.61 18.00 -5.74
C VAL B 182 6.27 17.84 -6.43
N PHE B 183 6.05 18.67 -7.42
CA PHE B 183 4.79 18.79 -8.17
C PHE B 183 5.10 19.00 -9.64
N ARG B 184 4.45 18.26 -10.53
CA ARG B 184 4.75 18.33 -11.98
C ARG B 184 3.43 18.38 -12.72
N ILE B 185 3.30 19.34 -13.63
CA ILE B 185 2.14 19.38 -14.56
C ILE B 185 2.64 19.67 -15.97
N LEU B 186 2.13 18.92 -16.94
CA LEU B 186 2.64 19.03 -18.34
C LEU B 186 1.66 19.77 -19.21
N THR B 187 0.37 19.81 -18.86
CA THR B 187 -0.66 20.29 -19.79
C THR B 187 -1.26 21.60 -19.31
N LEU B 188 -1.90 22.28 -20.26
CA LEU B 188 -2.80 23.44 -20.01
C LEU B 188 -4.18 22.90 -19.72
N GLU B 189 -4.70 23.14 -18.53
CA GLU B 189 -6.00 22.56 -18.06
C GLU B 189 -6.68 23.65 -17.23
N PRO B 190 -8.02 23.74 -17.23
CA PRO B 190 -8.72 24.67 -16.36
C PRO B 190 -8.42 24.55 -14.87
N THR B 191 -8.29 23.32 -14.36
CA THR B 191 -8.27 23.06 -12.90
C THR B 191 -6.81 23.12 -12.45
N ALA B 192 -6.48 23.99 -11.49
CA ALA B 192 -5.17 24.10 -10.86
C ALA B 192 -4.95 22.91 -9.90
N LEU B 193 -3.70 22.57 -9.60
CA LEU B 193 -3.40 21.77 -8.39
C LEU B 193 -3.37 22.72 -7.21
N THR B 194 -3.99 22.37 -6.09
CA THR B 194 -3.97 23.21 -4.90
C THR B 194 -3.59 22.39 -3.67
N ILE B 195 -2.61 22.87 -2.94
CA ILE B 195 -2.17 22.21 -1.70
C ILE B 195 -3.18 22.54 -0.63
N CYS B 196 -3.65 21.52 0.10
CA CYS B 196 -4.50 21.75 1.30
C CYS B 196 -3.62 22.23 2.44
N PRO B 197 -3.99 23.33 3.14
CA PRO B 197 -3.21 23.74 4.30
C PRO B 197 -3.30 22.74 5.46
N ALA B 198 -2.24 22.71 6.26
CA ALA B 198 -2.03 21.75 7.39
C ALA B 198 -3.23 21.74 8.34
S SO4 C . -12.89 -11.84 -11.33
O1 SO4 C . -13.01 -13.19 -11.82
O2 SO4 C . -12.20 -11.02 -12.30
O3 SO4 C . -12.14 -11.85 -10.09
O4 SO4 C . -14.22 -11.29 -11.10
S SO4 D . -17.38 -7.68 -6.76
O1 SO4 D . -17.58 -9.11 -6.67
O2 SO4 D . -16.47 -7.38 -7.86
O3 SO4 D . -16.81 -7.20 -5.52
O4 SO4 D . -18.64 -7.03 -6.99
S SO4 E . 8.34 3.22 -19.23
O1 SO4 E . 8.92 2.56 -20.36
O2 SO4 E . 7.06 2.62 -18.93
O3 SO4 E . 9.21 3.09 -18.09
O4 SO4 E . 8.15 4.61 -19.53
S SO4 F . -13.36 18.33 3.98
O1 SO4 F . -12.31 17.39 4.21
O2 SO4 F . -14.61 17.62 3.83
O3 SO4 F . -13.44 19.23 5.10
O4 SO4 F . -13.10 19.09 2.78
C1 IPE G . 7.31 13.89 -19.24
O1 IPE G . 8.53 13.15 -19.37
C2 IPE G . 7.66 15.32 -19.43
C3 IPE G . 8.68 15.53 -20.52
C4 IPE G . 8.55 15.00 -21.73
C5 IPE G . 9.86 16.40 -20.15
PA IPE G . 8.47 11.78 -20.11
O1A IPE G . 8.00 12.02 -21.51
O2A IPE G . 9.73 10.99 -19.91
O3A IPE G . 7.33 10.99 -19.30
PB IPE G . 6.97 10.48 -17.82
O1B IPE G . 5.61 11.08 -17.64
O2B IPE G . 6.95 9.00 -17.91
O3B IPE G . 7.99 10.98 -16.77
#